data_3PM6
#
_entry.id   3PM6
#
_cell.length_a   57.910
_cell.length_b   77.770
_cell.length_c   68.320
_cell.angle_alpha   90.000
_cell.angle_beta   93.710
_cell.angle_gamma   90.000
#
_symmetry.space_group_name_H-M   'P 1 21 1'
#
loop_
_entity.id
_entity.type
_entity.pdbx_description
1 polymer 'Putative fructose-bisphosphate aldolase'
2 non-polymer 'IODIDE ION'
3 non-polymer 'ZINC ION'
4 water water
#
_entity_poly.entity_id   1
_entity_poly.type   'polypeptide(L)'
_entity_poly.pdbx_seq_one_letter_code
;GPGSMPHPSLKSNRALPLLTFARTHSFAIPAICVYNLEGILAIIRAAEHKRSPAMILLFPWAIQYADSLLVRTAASACRA
ASVPITLHLDHAQDPEIIKRAADLSRSETHEPGFDSIMVDMSHFSKEENLRLTRELVAYCNARGIATEAEPGRIEGGEDG
VQDTVDLEGVLTTPEESEEFVATGINWLAPAFGNVHGNYGPRGVQLDYERLQRINEAVGERVGLVLHGADPFTKEIFEKC
IERGVAKVNVNRAVNNEYVKVMREKAGSLPITRLHEEVTNAMQAAVEKIMDMIDSTGKAEFMMDEK
;
_entity_poly.pdbx_strand_id   A,B
#
# COMPACT_ATOMS: atom_id res chain seq x y z
N LEU A 10 15.48 13.35 19.12
CA LEU A 10 14.24 14.10 18.66
C LEU A 10 14.53 15.44 17.98
N LYS A 11 15.74 15.98 18.19
CA LYS A 11 16.11 17.27 17.57
C LYS A 11 15.88 17.24 16.06
N SER A 12 16.12 16.08 15.45
CA SER A 12 15.87 15.84 14.03
C SER A 12 14.52 15.13 13.70
N ASN A 13 13.58 15.11 14.66
CA ASN A 13 12.26 14.54 14.39
C ASN A 13 11.40 15.37 13.43
N ARG A 14 10.86 14.70 12.41
CA ARG A 14 10.08 15.37 11.34
C ARG A 14 8.63 15.78 11.72
N ALA A 15 8.04 15.11 12.71
CA ALA A 15 6.64 15.38 13.09
C ALA A 15 6.51 16.63 13.97
N LEU A 16 7.43 16.80 14.91
CA LEU A 16 7.37 17.93 15.87
C LEU A 16 7.15 19.32 15.26
N PRO A 17 7.95 19.71 14.25
CA PRO A 17 7.77 21.07 13.73
C PRO A 17 6.34 21.35 13.25
N LEU A 18 5.68 20.35 12.66
CA LEU A 18 4.32 20.55 12.14
C LEU A 18 3.34 21.08 13.16
N LEU A 19 3.32 20.51 14.36
CA LEU A 19 2.37 20.97 15.41
C LEU A 19 2.78 22.31 16.02
N THR A 20 4.07 22.49 16.22
CA THR A 20 4.66 23.74 16.61
C THR A 20 4.19 24.83 15.65
N PHE A 21 4.41 24.63 14.36
CA PHE A 21 4.07 25.64 13.35
C PHE A 21 2.56 25.91 13.32
N ALA A 22 1.77 24.84 13.33
CA ALA A 22 0.31 24.94 13.35
C ALA A 22 -0.23 25.72 14.57
N ARG A 23 0.28 25.42 15.76
CA ARG A 23 -0.11 26.13 16.98
C ARG A 23 0.18 27.64 16.88
N THR A 24 1.37 28.01 16.41
CA THR A 24 1.76 29.43 16.42
C THR A 24 1.00 30.18 15.33
N HIS A 25 0.56 29.47 14.29
CA HIS A 25 -0.18 30.10 13.21
C HIS A 25 -1.67 29.75 13.15
N SER A 26 -2.23 29.34 14.28
CA SER A 26 -3.68 29.19 14.41
C SER A 26 -4.36 28.25 13.40
N PHE A 27 -3.75 27.11 13.14
CA PHE A 27 -4.47 26.08 12.41
C PHE A 27 -4.14 24.71 13.00
N ALA A 28 -4.72 23.65 12.44
CA ALA A 28 -4.37 22.29 12.85
C ALA A 28 -3.93 21.45 11.65
N ILE A 29 -3.06 20.48 11.93
CA ILE A 29 -2.55 19.51 10.98
C ILE A 29 -3.66 18.48 10.77
N PRO A 30 -4.02 18.18 9.51
CA PRO A 30 -4.99 17.11 9.29
C PRO A 30 -4.30 15.77 9.46
N ALA A 31 -4.78 14.93 10.37
CA ALA A 31 -4.15 13.63 10.68
C ALA A 31 -5.13 12.53 10.29
N ILE A 32 -4.96 11.98 9.10
CA ILE A 32 -5.98 11.15 8.47
C ILE A 32 -5.63 9.71 8.60
N CYS A 33 -6.49 8.96 9.30
CA CYS A 33 -6.37 7.52 9.39
C CYS A 33 -6.66 6.87 8.08
N VAL A 34 -5.80 5.93 7.71
CA VAL A 34 -6.03 5.16 6.48
C VAL A 34 -5.71 3.71 6.72
N TYR A 35 -6.20 2.84 5.82
CA TYR A 35 -6.09 1.38 5.93
C TYR A 35 -5.46 0.77 4.70
N ASN A 36 -5.10 1.62 3.74
CA ASN A 36 -4.77 1.16 2.42
C ASN A 36 -4.05 2.21 1.59
N LEU A 37 -3.46 1.73 0.51
CA LEU A 37 -2.72 2.57 -0.43
C LEU A 37 -3.63 3.63 -1.06
N GLU A 38 -4.89 3.32 -1.33
CA GLU A 38 -5.80 4.34 -1.84
C GLU A 38 -5.87 5.54 -0.88
N GLY A 39 -5.92 5.26 0.42
CA GLY A 39 -6.01 6.33 1.41
C GLY A 39 -4.71 7.12 1.50
N ILE A 40 -3.58 6.41 1.39
CA ILE A 40 -2.25 7.05 1.35
C ILE A 40 -2.19 8.01 0.15
N LEU A 41 -2.64 7.54 -1.01
CA LEU A 41 -2.58 8.37 -2.23
C LEU A 41 -3.52 9.55 -2.10
N ALA A 42 -4.73 9.29 -1.60
CA ALA A 42 -5.70 10.37 -1.36
C ALA A 42 -5.12 11.49 -0.50
N ILE A 43 -4.39 11.12 0.55
CA ILE A 43 -3.76 12.13 1.43
C ILE A 43 -2.65 12.93 0.76
N ILE A 44 -1.69 12.24 0.14
CA ILE A 44 -0.59 12.91 -0.58
C ILE A 44 -1.17 13.86 -1.63
N ARG A 45 -2.16 13.43 -2.40
CA ARG A 45 -2.69 14.24 -3.49
C ARG A 45 -3.44 15.46 -2.94
N ALA A 46 -4.28 15.21 -1.94
CA ALA A 46 -5.04 16.28 -1.30
C ALA A 46 -4.09 17.30 -0.73
N ALA A 47 -3.08 16.84 -0.01
CA ALA A 47 -2.10 17.71 0.62
C ALA A 47 -1.29 18.52 -0.41
N GLU A 48 -0.90 17.89 -1.51
CA GLU A 48 -0.14 18.64 -2.51
C GLU A 48 -1.08 19.59 -3.24
N HIS A 49 -2.28 19.13 -3.59
CA HIS A 49 -3.24 20.00 -4.27
C HIS A 49 -3.52 21.28 -3.44
N LYS A 50 -3.77 21.11 -2.14
CA LYS A 50 -4.18 22.23 -1.27
C LYS A 50 -2.99 22.94 -0.63
N ARG A 51 -1.78 22.50 -0.96
CA ARG A 51 -0.57 23.07 -0.35
C ARG A 51 -0.71 23.03 1.17
N SER A 52 -0.98 21.85 1.71
CA SER A 52 -1.21 21.68 3.15
C SER A 52 -0.28 20.59 3.63
N PRO A 53 0.31 20.79 4.84
CA PRO A 53 0.91 19.73 5.60
C PRO A 53 -0.17 18.69 5.93
N ALA A 54 0.25 17.49 6.32
CA ALA A 54 -0.69 16.42 6.69
C ALA A 54 0.04 15.37 7.46
N MET A 55 -0.70 14.45 8.06
CA MET A 55 -0.10 13.28 8.65
C MET A 55 -0.88 12.08 8.17
N ILE A 56 -0.17 11.00 7.91
CA ILE A 56 -0.82 9.75 7.55
C ILE A 56 -0.85 8.92 8.87
N LEU A 57 -2.05 8.48 9.28
CA LEU A 57 -2.17 7.66 10.47
C LEU A 57 -2.41 6.20 10.13
N LEU A 58 -1.64 5.29 10.74
CA LEU A 58 -1.92 3.87 10.59
C LEU A 58 -2.32 3.31 11.95
N PHE A 59 -3.15 2.24 11.98
CA PHE A 59 -3.48 1.56 13.23
C PHE A 59 -2.52 0.39 13.42
N PRO A 60 -2.47 -0.20 14.66
CA PRO A 60 -1.64 -1.40 14.80
C PRO A 60 -2.00 -2.50 13.82
N TRP A 61 -3.27 -2.52 13.43
CA TRP A 61 -3.74 -3.45 12.41
C TRP A 61 -2.91 -3.44 11.12
N ALA A 62 -2.35 -2.29 10.75
CA ALA A 62 -1.57 -2.21 9.54
C ALA A 62 -0.30 -3.06 9.63
N ILE A 63 0.27 -3.13 10.83
CA ILE A 63 1.44 -3.99 11.06
C ILE A 63 0.95 -5.46 11.20
N GLN A 64 -0.10 -5.69 12.02
CA GLN A 64 -0.71 -7.03 12.21
C GLN A 64 -0.98 -7.65 10.83
N TYR A 65 -1.52 -6.85 9.90
CA TYR A 65 -1.95 -7.34 8.60
C TYR A 65 -0.84 -7.47 7.53
N ALA A 66 0.00 -6.44 7.38
CA ALA A 66 0.94 -6.35 6.26
C ALA A 66 2.40 -6.24 6.71
N ASP A 67 2.66 -6.60 7.97
CA ASP A 67 3.99 -6.51 8.56
C ASP A 67 4.58 -5.12 8.34
N SER A 68 5.61 -5.00 7.51
CA SER A 68 6.15 -3.66 7.25
C SER A 68 5.65 -3.02 5.94
N LEU A 69 4.76 -3.70 5.20
CA LEU A 69 4.30 -3.18 3.89
C LEU A 69 3.58 -1.84 3.84
N LEU A 70 2.54 -1.64 4.65
CA LEU A 70 1.86 -0.34 4.63
C LEU A 70 2.74 0.70 5.25
N VAL A 71 3.48 0.32 6.29
CA VAL A 71 4.36 1.25 6.99
C VAL A 71 5.38 1.80 5.97
N ARG A 72 6.01 0.89 5.22
CA ARG A 72 7.07 1.23 4.26
C ARG A 72 6.52 2.04 3.09
N THR A 73 5.40 1.62 2.54
CA THR A 73 4.70 2.37 1.49
C THR A 73 4.36 3.78 1.95
N ALA A 74 3.74 3.90 3.14
CA ALA A 74 3.36 5.24 3.68
C ALA A 74 4.56 6.10 4.02
N ALA A 75 5.58 5.49 4.61
CA ALA A 75 6.77 6.29 5.03
C ALA A 75 7.44 6.86 3.79
N SER A 76 7.49 6.03 2.76
CA SER A 76 8.09 6.41 1.51
C SER A 76 7.28 7.50 0.81
N ALA A 77 5.97 7.30 0.68
CA ALA A 77 5.10 8.36 0.15
C ALA A 77 5.32 9.70 0.87
N CYS A 78 5.49 9.66 2.20
CA CYS A 78 5.73 10.86 3.01
C CYS A 78 6.96 11.62 2.56
N ARG A 79 8.08 10.90 2.45
CA ARG A 79 9.37 11.43 2.03
C ARG A 79 9.33 12.10 0.66
N ALA A 80 8.62 11.47 -0.28
CA ALA A 80 8.58 11.91 -1.67
C ALA A 80 7.61 13.08 -1.93
N ALA A 81 6.80 13.41 -0.94
CA ALA A 81 5.78 14.46 -1.07
C ALA A 81 6.44 15.82 -1.12
N SER A 82 5.82 16.80 -1.83
CA SER A 82 6.35 18.17 -1.93
C SER A 82 5.85 19.14 -0.87
N VAL A 83 5.18 18.59 0.16
CA VAL A 83 4.68 19.37 1.27
C VAL A 83 5.04 18.53 2.50
N PRO A 84 5.05 19.13 3.70
CA PRO A 84 5.38 18.32 4.88
C PRO A 84 4.27 17.30 5.24
N ILE A 85 4.62 16.01 5.14
CA ILE A 85 3.75 14.93 5.58
C ILE A 85 4.55 13.91 6.40
N THR A 86 4.07 13.56 7.59
CA THR A 86 4.75 12.56 8.41
C THR A 86 3.82 11.42 8.77
N LEU A 87 4.39 10.37 9.36
CA LEU A 87 3.70 9.12 9.61
C LEU A 87 3.51 8.83 11.12
N HIS A 88 2.30 8.50 11.52
CA HIS A 88 1.93 8.42 12.92
C HIS A 88 1.23 7.09 13.15
N LEU A 89 1.65 6.36 14.18
CA LEU A 89 0.87 5.21 14.66
C LEU A 89 -0.20 5.65 15.64
N ASP A 90 -1.46 5.54 15.23
CA ASP A 90 -2.58 6.00 16.10
C ASP A 90 -3.02 4.86 17.01
N HIS A 91 -3.52 5.17 18.21
CA HIS A 91 -4.14 4.17 19.10
C HIS A 91 -3.36 2.87 19.27
N ALA A 92 -2.08 3.00 19.51
CA ALA A 92 -1.33 1.85 19.86
C ALA A 92 -1.61 1.58 21.34
N GLN A 93 -2.35 0.51 21.64
CA GLN A 93 -2.85 0.31 23.00
C GLN A 93 -2.23 -0.87 23.70
N ASP A 94 -1.10 -1.33 23.15
CA ASP A 94 -0.38 -2.52 23.63
C ASP A 94 1.12 -2.21 23.62
N PRO A 95 1.78 -2.24 24.81
CA PRO A 95 3.22 -1.96 24.91
C PRO A 95 4.09 -2.76 23.91
N GLU A 96 3.77 -4.04 23.71
CA GLU A 96 4.51 -4.90 22.79
C GLU A 96 4.46 -4.40 21.35
N ILE A 97 3.29 -3.94 20.92
CA ILE A 97 3.15 -3.42 19.57
C ILE A 97 3.88 -2.10 19.36
N ILE A 98 3.95 -1.31 20.41
CA ILE A 98 4.59 0.00 20.34
C ILE A 98 6.10 -0.22 20.10
N LYS A 99 6.70 -1.11 20.88
CA LYS A 99 8.12 -1.41 20.75
C LYS A 99 8.37 -2.01 19.37
N ARG A 100 7.47 -2.88 18.91
CA ARG A 100 7.63 -3.49 17.61
C ARG A 100 7.59 -2.42 16.52
N ALA A 101 6.64 -1.50 16.62
CA ALA A 101 6.60 -0.36 15.69
C ALA A 101 7.84 0.54 15.80
N ALA A 102 8.28 0.82 17.02
CA ALA A 102 9.39 1.74 17.26
C ALA A 102 10.73 1.16 16.76
N ASP A 103 10.86 -0.18 16.78
CA ASP A 103 11.99 -0.92 16.24
C ASP A 103 12.09 -0.82 14.70
N LEU A 104 10.99 -0.50 14.03
CA LEU A 104 11.02 -0.33 12.57
C LEU A 104 11.97 0.76 12.07
N SER A 105 12.25 1.77 12.91
CA SER A 105 13.23 2.83 12.59
C SER A 105 14.54 2.67 13.35
N PRO A 112 13.39 4.16 7.78
CA PRO A 112 12.17 4.96 7.64
C PRO A 112 10.94 4.14 8.07
N GLY A 113 10.50 4.50 9.28
CA GLY A 113 9.35 3.90 9.95
C GLY A 113 8.51 5.07 10.43
N PHE A 114 8.05 5.05 11.67
CA PHE A 114 7.11 6.07 12.18
C PHE A 114 7.85 7.30 12.63
N ASP A 115 7.28 8.47 12.34
CA ASP A 115 7.82 9.70 12.92
C ASP A 115 7.30 9.93 14.35
N SER A 116 6.10 9.39 14.64
CA SER A 116 5.45 9.59 15.94
C SER A 116 4.52 8.45 16.25
N ILE A 117 4.22 8.24 17.51
CA ILE A 117 3.40 7.08 17.86
C ILE A 117 2.50 7.56 18.95
N MET A 118 1.25 7.14 18.91
CA MET A 118 0.38 7.43 20.01
C MET A 118 0.48 6.33 21.05
N VAL A 119 1.07 6.63 22.20
CA VAL A 119 1.14 5.67 23.31
C VAL A 119 -0.17 5.80 24.07
N ASP A 120 -1.16 5.01 23.67
CA ASP A 120 -2.52 5.13 24.14
C ASP A 120 -2.75 4.08 25.21
N MET A 121 -2.45 4.42 26.47
CA MET A 121 -2.67 3.49 27.58
C MET A 121 -3.95 3.82 28.37
N SER A 122 -4.90 4.46 27.68
CA SER A 122 -6.07 5.04 28.34
C SER A 122 -7.04 4.00 28.85
N HIS A 123 -6.91 2.77 28.35
CA HIS A 123 -7.72 1.67 28.83
C HIS A 123 -7.36 1.15 30.22
N PHE A 124 -6.16 1.48 30.68
CA PHE A 124 -5.68 1.09 32.00
C PHE A 124 -6.06 2.15 33.01
N SER A 125 -5.90 1.86 34.30
CA SER A 125 -6.12 2.84 35.37
C SER A 125 -5.17 3.98 35.11
N LYS A 126 -5.53 5.16 35.62
CA LYS A 126 -4.73 6.35 35.46
C LYS A 126 -3.24 6.14 35.78
N GLU A 127 -2.98 5.54 36.93
CA GLU A 127 -1.60 5.36 37.44
C GLU A 127 -0.80 4.37 36.55
N GLU A 128 -1.46 3.32 36.08
CA GLU A 128 -0.85 2.41 35.13
C GLU A 128 -0.60 3.07 33.77
N ASN A 129 -1.58 3.83 33.29
CA ASN A 129 -1.45 4.63 32.07
C ASN A 129 -0.18 5.51 32.19
N LEU A 130 -0.02 6.22 33.32
CA LEU A 130 1.17 7.08 33.49
C LEU A 130 2.45 6.27 33.45
N ARG A 131 2.41 5.12 34.17
CA ARG A 131 3.58 4.25 34.32
C ARG A 131 4.04 3.70 32.98
N LEU A 132 3.13 3.04 32.27
CA LEU A 132 3.47 2.52 30.96
C LEU A 132 3.84 3.65 29.97
N THR A 133 3.08 4.77 29.99
CA THR A 133 3.39 5.89 29.07
C THR A 133 4.84 6.39 29.29
N ARG A 134 5.21 6.61 30.55
CA ARG A 134 6.59 7.10 30.84
C ARG A 134 7.66 6.18 30.24
N GLU A 135 7.53 4.88 30.46
CA GLU A 135 8.54 3.96 29.97
C GLU A 135 8.49 3.75 28.48
N LEU A 136 7.30 3.82 27.88
CA LEU A 136 7.20 3.67 26.45
C LEU A 136 7.67 4.92 25.69
N VAL A 137 7.47 6.08 26.29
CA VAL A 137 7.99 7.31 25.73
C VAL A 137 9.53 7.24 25.67
N ALA A 138 10.14 6.73 26.74
CA ALA A 138 11.60 6.55 26.76
C ALA A 138 12.04 5.68 25.59
N TYR A 139 11.35 4.55 25.42
CA TYR A 139 11.68 3.61 24.37
C TYR A 139 11.56 4.22 22.96
N CYS A 140 10.50 4.99 22.73
CA CYS A 140 10.29 5.68 21.47
C CYS A 140 11.35 6.78 21.24
N ASN A 141 11.57 7.59 22.27
CA ASN A 141 12.51 8.71 22.20
C ASN A 141 13.93 8.23 21.84
N ALA A 142 14.39 7.18 22.54
CA ALA A 142 15.67 6.50 22.20
C ALA A 142 15.82 6.24 20.71
N ARG A 143 14.69 6.15 19.98
CA ARG A 143 14.72 5.77 18.59
C ARG A 143 14.35 6.89 17.64
N GLY A 144 14.35 8.12 18.16
CA GLY A 144 14.02 9.30 17.37
C GLY A 144 12.54 9.61 17.22
N ILE A 145 11.69 8.93 18.01
CA ILE A 145 10.24 8.94 17.75
C ILE A 145 9.47 9.83 18.73
N ALA A 146 8.69 10.77 18.20
CA ALA A 146 7.83 11.63 19.00
C ALA A 146 6.57 10.85 19.48
N THR A 147 5.92 11.35 20.52
CA THR A 147 4.84 10.56 21.16
C THR A 147 3.65 11.38 21.57
N GLU A 148 2.50 10.74 21.59
CA GLU A 148 1.23 11.35 21.98
C GLU A 148 0.70 10.42 23.02
N ALA A 149 0.04 10.96 24.05
CA ALA A 149 -0.59 10.17 25.08
C ALA A 149 -1.96 10.74 25.39
N GLU A 150 -2.76 9.92 26.05
CA GLU A 150 -4.15 10.30 26.40
C GLU A 150 -4.36 10.39 27.90
N PRO A 151 -4.39 11.62 28.43
CA PRO A 151 -4.56 11.80 29.88
C PRO A 151 -6.02 11.72 30.24
N GLY A 152 -6.63 10.57 29.97
CA GLY A 152 -8.05 10.40 30.29
C GLY A 152 -8.51 9.17 29.56
N ARG A 153 -9.81 9.01 29.36
CA ARG A 153 -10.35 7.90 28.57
C ARG A 153 -11.53 8.35 27.71
N ILE A 154 -11.25 8.50 26.41
CA ILE A 154 -12.25 8.67 25.39
C ILE A 154 -12.98 7.33 25.21
N GLU A 155 -14.30 7.40 25.18
CA GLU A 155 -15.11 6.20 25.01
C GLU A 155 -15.33 5.88 23.54
N GLY A 156 -15.65 4.62 23.27
CA GLY A 156 -16.06 4.24 21.90
C GLY A 156 -14.98 3.44 21.19
N GLY A 157 -15.37 2.89 20.04
CA GLY A 157 -14.47 2.09 19.24
C GLY A 157 -14.62 2.53 17.78
N GLU A 158 -13.65 2.12 16.98
CA GLU A 158 -13.70 2.25 15.51
C GLU A 158 -13.06 0.98 14.93
N ASP A 159 -13.19 0.77 13.62
CA ASP A 159 -12.45 -0.27 12.94
C ASP A 159 -10.96 -0.02 13.14
N GLY A 160 -10.30 -0.88 13.90
CA GLY A 160 -8.87 -0.74 14.21
C GLY A 160 -8.62 -0.13 15.58
N VAL A 161 -9.68 0.30 16.27
CA VAL A 161 -9.54 0.92 17.61
C VAL A 161 -10.47 0.19 18.58
N GLN A 162 -9.91 -0.46 19.61
CA GLN A 162 -10.76 -1.27 20.54
C GLN A 162 -11.87 -0.47 21.26
N ASP A 163 -13.06 -1.10 21.36
CA ASP A 163 -14.17 -0.77 22.29
C ASP A 163 -13.70 -0.35 23.70
N THR A 164 -14.51 0.48 24.39
CA THR A 164 -14.34 0.77 25.82
C THR A 164 -15.51 0.21 26.63
N VAL A 165 -16.11 -0.85 26.12
CA VAL A 165 -17.21 -1.54 26.80
C VAL A 165 -16.75 -1.98 28.19
N ASP A 166 -17.56 -1.74 29.19
CA ASP A 166 -17.19 -2.12 30.57
C ASP A 166 -16.11 -1.17 31.09
N LEU A 167 -15.82 -0.09 30.36
CA LEU A 167 -14.96 0.98 30.89
C LEU A 167 -15.71 2.29 30.92
N GLU A 168 -15.50 3.07 31.97
CA GLU A 168 -16.14 4.39 32.11
C GLU A 168 -15.32 5.46 31.39
N GLY A 169 -16.00 6.49 30.92
CA GLY A 169 -15.36 7.69 30.43
C GLY A 169 -14.61 8.36 31.55
N VAL A 170 -13.42 8.84 31.24
CA VAL A 170 -12.63 9.70 32.15
C VAL A 170 -12.25 10.98 31.41
N LEU A 171 -12.88 12.08 31.83
CA LEU A 171 -12.58 13.43 31.38
C LEU A 171 -11.25 13.97 31.86
N THR A 172 -10.57 14.71 30.99
CA THR A 172 -9.22 15.16 31.31
C THR A 172 -9.22 16.43 32.14
N THR A 173 -8.44 16.45 33.23
CA THR A 173 -8.25 17.65 34.02
C THR A 173 -6.90 18.26 33.71
N PRO A 174 -6.72 19.57 34.02
CA PRO A 174 -5.38 20.15 33.96
C PRO A 174 -4.38 19.36 34.80
N GLU A 175 -4.80 18.85 35.96
CA GLU A 175 -3.84 18.19 36.83
C GLU A 175 -3.35 16.86 36.22
N GLU A 176 -4.25 16.04 35.67
CA GLU A 176 -3.82 14.79 35.02
C GLU A 176 -2.95 15.14 33.81
N SER A 177 -3.29 16.22 33.11
CA SER A 177 -2.49 16.71 31.97
C SER A 177 -1.05 17.02 32.36
N GLU A 178 -0.91 17.83 33.42
CA GLU A 178 0.38 18.12 34.06
C GLU A 178 1.15 16.85 34.42
N GLU A 179 0.48 15.90 35.08
CA GLU A 179 1.11 14.60 35.38
C GLU A 179 1.66 13.96 34.09
N PHE A 180 0.91 14.03 32.99
CA PHE A 180 1.37 13.40 31.74
C PHE A 180 2.53 14.15 31.06
N VAL A 181 2.53 15.47 31.17
CA VAL A 181 3.64 16.29 30.64
C VAL A 181 5.02 15.85 31.21
N ALA A 182 5.05 15.48 32.49
CA ALA A 182 6.29 14.99 33.15
C ALA A 182 6.78 13.65 32.59
N THR A 183 5.92 12.92 31.86
CA THR A 183 6.38 11.66 31.23
C THR A 183 7.26 11.94 30.05
N GLY A 184 7.31 13.19 29.58
CA GLY A 184 8.08 13.54 28.37
C GLY A 184 7.37 13.35 27.02
N ILE A 185 6.06 13.10 27.04
CA ILE A 185 5.27 13.06 25.79
C ILE A 185 5.39 14.37 25.06
N ASN A 186 5.15 14.40 23.76
CA ASN A 186 5.16 15.66 23.01
C ASN A 186 3.75 16.23 22.85
N TRP A 187 2.78 15.35 22.62
CA TRP A 187 1.38 15.75 22.38
C TRP A 187 0.41 15.05 23.31
N LEU A 188 -0.72 15.69 23.61
CA LEU A 188 -1.74 15.17 24.51
C LEU A 188 -3.08 15.13 23.78
N ALA A 189 -3.82 14.04 23.95
CA ALA A 189 -5.15 13.83 23.37
C ALA A 189 -6.14 13.95 24.51
N PRO A 190 -6.73 15.14 24.69
CA PRO A 190 -7.59 15.23 25.87
C PRO A 190 -8.97 14.63 25.65
N ALA A 191 -9.55 14.10 26.72
CA ALA A 191 -10.96 13.69 26.79
C ALA A 191 -11.77 14.88 27.33
N PHE A 192 -12.64 15.47 26.53
CA PHE A 192 -13.37 16.64 27.00
C PHE A 192 -14.78 16.64 26.46
N GLY A 193 -15.34 15.45 26.22
CA GLY A 193 -16.71 15.27 25.70
C GLY A 193 -16.72 14.61 24.31
N ASN A 194 -15.58 14.63 23.64
CA ASN A 194 -15.43 13.90 22.39
C ASN A 194 -15.53 12.37 22.60
N VAL A 195 -15.89 11.66 21.54
CA VAL A 195 -16.22 10.23 21.58
C VAL A 195 -15.73 9.67 20.25
N HIS A 196 -15.13 8.49 20.29
CA HIS A 196 -14.87 7.73 19.06
C HIS A 196 -16.17 7.12 18.57
N GLY A 197 -16.33 7.08 17.23
CA GLY A 197 -17.55 6.55 16.61
C GLY A 197 -18.76 7.47 16.67
N ASN A 198 -19.94 6.88 16.56
CA ASN A 198 -21.19 7.64 16.39
C ASN A 198 -21.59 8.25 17.73
N TYR A 199 -21.77 9.59 17.75
CA TYR A 199 -22.25 10.32 18.95
C TYR A 199 -23.67 9.94 19.39
N GLY A 200 -24.50 9.54 18.42
CA GLY A 200 -25.91 9.24 18.71
C GLY A 200 -26.77 10.48 18.95
N PRO A 201 -28.02 10.28 19.41
CA PRO A 201 -29.05 11.34 19.48
C PRO A 201 -28.68 12.53 20.36
N ARG A 202 -27.79 12.34 21.34
CA ARG A 202 -27.30 13.44 22.19
C ARG A 202 -26.41 14.44 21.46
N GLY A 203 -25.93 14.08 20.26
CA GLY A 203 -25.08 14.97 19.45
C GLY A 203 -23.70 15.22 20.05
N VAL A 204 -22.92 16.07 19.39
CA VAL A 204 -21.58 16.49 19.85
C VAL A 204 -21.77 17.51 20.96
N GLN A 205 -21.30 17.19 22.18
CA GLN A 205 -21.39 18.09 23.34
C GLN A 205 -20.02 18.25 23.98
N LEU A 206 -19.24 19.22 23.52
CA LEU A 206 -17.88 19.39 23.99
C LEU A 206 -17.82 20.39 25.14
N ASP A 207 -16.90 20.13 26.05
CA ASP A 207 -16.69 21.02 27.19
C ASP A 207 -15.51 21.90 26.81
N TYR A 208 -15.81 23.01 26.12
CA TYR A 208 -14.78 23.93 25.64
C TYR A 208 -14.05 24.59 26.78
N GLU A 209 -14.76 24.82 27.89
CA GLU A 209 -14.15 25.37 29.09
C GLU A 209 -13.07 24.46 29.65
N ARG A 210 -13.38 23.16 29.78
CA ARG A 210 -12.42 22.15 30.19
C ARG A 210 -11.20 22.21 29.25
N LEU A 211 -11.46 22.25 27.95
CA LEU A 211 -10.41 22.32 26.96
C LEU A 211 -9.48 23.52 27.17
N GLN A 212 -10.03 24.73 27.32
CA GLN A 212 -9.19 25.95 27.53
C GLN A 212 -8.39 25.81 28.83
N ARG A 213 -9.01 25.29 29.89
CA ARG A 213 -8.33 25.03 31.19
C ARG A 213 -7.10 24.14 31.01
N ILE A 214 -7.26 23.09 30.21
CA ILE A 214 -6.15 22.23 29.79
C ILE A 214 -5.08 22.99 29.03
N ASN A 215 -5.52 23.75 28.03
CA ASN A 215 -4.62 24.49 27.19
C ASN A 215 -3.82 25.49 28.03
N GLU A 216 -4.52 26.19 28.91
CA GLU A 216 -3.90 27.18 29.78
C GLU A 216 -2.84 26.53 30.68
N ALA A 217 -3.11 25.32 31.18
CA ALA A 217 -2.17 24.69 32.09
C ALA A 217 -0.95 24.11 31.38
N VAL A 218 -1.13 23.51 30.21
CA VAL A 218 0.00 22.80 29.58
C VAL A 218 0.29 23.19 28.15
N GLY A 219 -0.61 23.98 27.55
CA GLY A 219 -0.55 24.32 26.14
C GLY A 219 0.79 24.82 25.65
N GLU A 220 1.55 25.50 26.49
CA GLU A 220 2.86 26.02 26.08
C GLU A 220 3.95 24.94 26.09
N ARG A 221 3.66 23.80 26.70
CA ARG A 221 4.64 22.71 26.87
C ARG A 221 4.34 21.51 25.94
N VAL A 222 3.07 21.30 25.60
CA VAL A 222 2.68 20.22 24.69
C VAL A 222 1.63 20.63 23.64
N GLY A 223 1.63 19.92 22.51
CA GLY A 223 0.59 20.12 21.47
C GLY A 223 -0.70 19.38 21.85
N LEU A 224 -1.84 19.87 21.39
CA LEU A 224 -3.11 19.26 21.79
C LEU A 224 -3.73 18.61 20.57
N VAL A 225 -4.28 17.43 20.76
CA VAL A 225 -4.71 16.55 19.68
C VAL A 225 -6.16 16.23 19.86
N LEU A 226 -6.94 16.51 18.80
CA LEU A 226 -8.37 16.30 18.78
C LEU A 226 -8.70 14.93 18.19
N HIS A 227 -9.39 14.13 19.00
CA HIS A 227 -9.93 12.82 18.59
C HIS A 227 -11.45 12.86 18.55
N GLY A 228 -12.04 11.92 17.81
CA GLY A 228 -13.48 11.83 17.63
C GLY A 228 -14.13 12.96 16.84
N ALA A 229 -13.39 13.49 15.89
CA ALA A 229 -13.74 14.69 15.17
C ALA A 229 -14.54 14.47 13.86
N ASP A 230 -14.76 13.21 13.50
CA ASP A 230 -15.35 12.87 12.20
C ASP A 230 -16.58 13.71 11.79
N PRO A 231 -17.59 13.82 12.67
CA PRO A 231 -18.81 14.56 12.32
C PRO A 231 -18.71 16.06 12.65
N PHE A 232 -17.49 16.57 12.95
CA PHE A 232 -17.33 17.96 13.36
C PHE A 232 -17.53 18.94 12.18
N THR A 233 -17.91 20.17 12.53
CA THR A 233 -18.22 21.21 11.53
C THR A 233 -17.05 22.19 11.63
N LYS A 234 -16.96 23.12 10.69
CA LYS A 234 -15.94 24.13 10.74
C LYS A 234 -15.99 24.92 12.04
N GLU A 235 -17.19 25.29 12.46
CA GLU A 235 -17.34 26.15 13.64
C GLU A 235 -16.83 25.42 14.90
N ILE A 236 -17.10 24.13 14.99
CA ILE A 236 -16.55 23.29 16.09
C ILE A 236 -15.00 23.21 16.03
N PHE A 237 -14.47 22.99 14.82
CA PHE A 237 -13.04 23.00 14.62
C PHE A 237 -12.43 24.32 15.06
N GLU A 238 -13.02 25.44 14.63
CA GLU A 238 -12.52 26.76 15.00
C GLU A 238 -12.46 26.91 16.53
N LYS A 239 -13.51 26.50 17.23
CA LYS A 239 -13.56 26.57 18.69
C LYS A 239 -12.40 25.78 19.33
N CYS A 240 -12.13 24.58 18.82
CA CYS A 240 -11.06 23.71 19.33
C CYS A 240 -9.67 24.27 19.07
N ILE A 241 -9.42 24.70 17.84
CA ILE A 241 -8.14 25.29 17.45
C ILE A 241 -7.79 26.58 18.23
N GLU A 242 -8.79 27.42 18.48
CA GLU A 242 -8.63 28.61 19.32
C GLU A 242 -8.30 28.17 20.74
N ARG A 243 -8.69 26.94 21.13
CA ARG A 243 -8.29 26.42 22.43
C ARG A 243 -7.12 25.44 22.41
N GLY A 244 -6.24 25.58 21.43
CA GLY A 244 -4.92 24.95 21.47
C GLY A 244 -4.78 23.69 20.60
N VAL A 245 -5.86 23.24 19.99
CA VAL A 245 -5.79 22.04 19.14
C VAL A 245 -4.91 22.27 17.92
N ALA A 246 -3.83 21.49 17.80
CA ALA A 246 -2.89 21.67 16.70
C ALA A 246 -2.87 20.47 15.77
N LYS A 247 -3.56 19.41 16.13
CA LYS A 247 -3.62 18.19 15.33
C LYS A 247 -5.04 17.70 15.42
N VAL A 248 -5.65 17.50 14.25
CA VAL A 248 -7.02 16.96 14.14
C VAL A 248 -7.02 15.60 13.43
N ASN A 249 -7.45 14.57 14.18
CA ASN A 249 -7.57 13.21 13.69
C ASN A 249 -8.91 12.97 13.03
N VAL A 250 -8.84 12.25 11.91
CA VAL A 250 -10.01 11.96 11.12
C VAL A 250 -9.95 10.52 10.70
N ASN A 251 -11.10 9.88 10.64
CA ASN A 251 -11.17 8.52 10.12
C ASN A 251 -12.36 8.30 9.15
N ARG A 252 -13.52 7.97 9.73
CA ARG A 252 -14.77 7.72 9.00
C ARG A 252 -15.13 8.80 7.95
N ALA A 253 -14.87 10.06 8.27
CA ALA A 253 -15.15 11.17 7.36
C ALA A 253 -14.53 10.87 6.01
N VAL A 254 -13.36 10.22 6.05
CA VAL A 254 -12.60 9.93 4.85
C VAL A 254 -12.91 8.52 4.35
N ASN A 255 -12.75 7.51 5.21
CA ASN A 255 -12.91 6.12 4.79
C ASN A 255 -14.30 5.65 4.50
N ASN A 256 -15.32 6.40 4.92
CA ASN A 256 -16.67 6.07 4.50
C ASN A 256 -16.82 6.25 2.99
N GLU A 257 -16.05 7.18 2.40
CA GLU A 257 -16.08 7.40 0.94
C GLU A 257 -15.59 6.18 0.18
N TYR A 258 -14.62 5.47 0.74
CA TYR A 258 -14.14 4.23 0.13
C TYR A 258 -15.25 3.20 0.15
N VAL A 259 -15.91 3.09 1.29
CA VAL A 259 -16.99 2.14 1.49
C VAL A 259 -18.16 2.44 0.53
N LYS A 260 -18.55 3.70 0.43
CA LYS A 260 -19.67 4.08 -0.44
C LYS A 260 -19.38 3.76 -1.91
N VAL A 261 -18.17 4.08 -2.38
CA VAL A 261 -17.83 3.80 -3.76
C VAL A 261 -17.79 2.29 -4.02
N MET A 262 -17.16 1.52 -3.13
CA MET A 262 -17.11 0.06 -3.27
C MET A 262 -18.52 -0.54 -3.21
N ARG A 263 -19.33 -0.07 -2.27
CA ARG A 263 -20.70 -0.61 -2.08
C ARG A 263 -21.50 -0.46 -3.37
N GLU A 264 -21.41 0.71 -3.99
CA GLU A 264 -22.20 1.03 -5.17
C GLU A 264 -21.62 0.50 -6.51
N LYS A 265 -20.30 0.42 -6.61
CA LYS A 265 -19.65 0.25 -7.91
C LYS A 265 -18.82 -1.03 -8.11
N ALA A 266 -18.57 -1.81 -7.07
CA ALA A 266 -17.76 -3.02 -7.29
C ALA A 266 -18.60 -3.96 -8.13
N GLY A 267 -17.97 -4.64 -9.07
CA GLY A 267 -18.72 -5.46 -10.04
C GLY A 267 -19.29 -4.68 -11.22
N SER A 268 -19.11 -3.35 -11.22
CA SER A 268 -19.66 -2.51 -12.29
C SER A 268 -18.64 -1.72 -13.08
N LEU A 269 -17.40 -1.72 -12.60
CA LEU A 269 -16.31 -0.95 -13.19
C LEU A 269 -15.07 -1.82 -13.17
N PRO A 270 -14.13 -1.57 -14.10
CA PRO A 270 -12.86 -2.30 -14.00
C PRO A 270 -12.20 -1.99 -12.66
N ILE A 271 -11.46 -2.95 -12.11
CA ILE A 271 -10.75 -2.72 -10.85
C ILE A 271 -9.94 -1.43 -10.88
N THR A 272 -9.27 -1.17 -12.00
CA THR A 272 -8.47 0.05 -12.11
C THR A 272 -9.30 1.31 -11.82
N ARG A 273 -10.50 1.39 -12.39
CA ARG A 273 -11.38 2.55 -12.18
C ARG A 273 -11.96 2.56 -10.77
N LEU A 274 -12.20 1.37 -10.24
CA LEU A 274 -12.59 1.22 -8.84
C LEU A 274 -11.56 1.91 -7.92
N HIS A 275 -10.28 1.64 -8.14
CA HIS A 275 -9.21 2.19 -7.31
C HIS A 275 -9.14 3.70 -7.46
N GLU A 276 -9.32 4.15 -8.71
CA GLU A 276 -9.32 5.57 -9.01
C GLU A 276 -10.43 6.31 -8.31
N GLU A 277 -11.64 5.73 -8.35
CA GLU A 277 -12.82 6.39 -7.79
C GLU A 277 -12.79 6.49 -6.25
N VAL A 278 -12.37 5.42 -5.55
CA VAL A 278 -12.23 5.50 -4.10
C VAL A 278 -11.18 6.52 -3.68
N THR A 279 -10.10 6.64 -4.45
CA THR A 279 -9.04 7.58 -4.11
C THR A 279 -9.52 9.02 -4.31
N ASN A 280 -10.18 9.28 -5.44
CA ASN A 280 -10.76 10.60 -5.70
C ASN A 280 -11.75 11.01 -4.63
N ALA A 281 -12.68 10.13 -4.30
CA ALA A 281 -13.68 10.40 -3.28
C ALA A 281 -13.05 10.66 -1.88
N MET A 282 -12.05 9.86 -1.53
CA MET A 282 -11.32 10.05 -0.27
C MET A 282 -10.53 11.35 -0.33
N GLN A 283 -9.95 11.65 -1.50
CA GLN A 283 -9.18 12.90 -1.68
C GLN A 283 -10.05 14.12 -1.44
N ALA A 284 -11.29 14.07 -1.95
CA ALA A 284 -12.22 15.20 -1.80
C ALA A 284 -12.57 15.40 -0.31
N ALA A 285 -12.82 14.30 0.40
CA ALA A 285 -13.10 14.35 1.85
C ALA A 285 -11.92 14.94 2.64
N VAL A 286 -10.69 14.56 2.28
CA VAL A 286 -9.49 15.12 2.93
C VAL A 286 -9.42 16.61 2.68
N GLU A 287 -9.55 17.03 1.43
CA GLU A 287 -9.53 18.47 1.09
C GLU A 287 -10.50 19.31 1.88
N LYS A 288 -11.69 18.79 2.15
CA LYS A 288 -12.68 19.57 2.95
C LYS A 288 -12.19 19.76 4.38
N ILE A 289 -11.60 18.72 4.97
CA ILE A 289 -11.03 18.82 6.30
C ILE A 289 -9.98 19.93 6.29
N MET A 290 -9.09 19.88 5.31
CA MET A 290 -8.00 20.87 5.23
C MET A 290 -8.50 22.33 5.25
N ASP A 291 -9.54 22.58 4.45
CA ASP A 291 -10.20 23.90 4.43
C ASP A 291 -10.79 24.23 5.81
N MET A 292 -11.53 23.28 6.39
CA MET A 292 -12.21 23.49 7.67
C MET A 292 -11.21 23.82 8.75
N ILE A 293 -10.05 23.16 8.74
CA ILE A 293 -9.11 23.38 9.83
C ILE A 293 -8.00 24.39 9.48
N ASP A 294 -8.18 25.06 8.34
CA ASP A 294 -7.28 26.15 7.89
C ASP A 294 -5.84 25.72 7.62
N SER A 295 -5.64 24.46 7.22
CA SER A 295 -4.30 24.02 6.87
C SER A 295 -4.05 24.29 5.37
N THR A 296 -5.14 24.53 4.64
CA THR A 296 -5.04 24.79 3.20
C THR A 296 -4.07 25.95 2.98
N GLY A 297 -3.11 25.76 2.08
CA GLY A 297 -2.17 26.83 1.75
C GLY A 297 -1.01 27.02 2.71
N LYS A 298 -1.05 26.36 3.88
CA LYS A 298 -0.03 26.61 4.90
C LYS A 298 1.37 26.04 4.63
N ALA A 299 1.48 25.09 3.69
CA ALA A 299 2.76 24.49 3.39
C ALA A 299 3.71 25.52 2.76
N GLU A 300 3.16 26.57 2.14
CA GLU A 300 3.97 27.65 1.54
C GLU A 300 4.95 28.31 2.53
N PHE A 301 4.54 28.44 3.79
CA PHE A 301 5.37 29.07 4.80
C PHE A 301 6.07 28.06 5.70
N MET A 302 5.93 26.79 5.35
CA MET A 302 6.72 25.72 5.95
C MET A 302 7.76 25.30 4.92
N PRO B 8 25.07 -10.36 -20.04
CA PRO B 8 26.24 -9.90 -19.27
C PRO B 8 25.90 -8.70 -18.38
N SER B 9 25.26 -7.69 -18.97
CA SER B 9 24.59 -6.69 -18.15
C SER B 9 23.39 -7.33 -17.41
N LEU B 10 23.00 -8.55 -17.83
CA LEU B 10 21.93 -9.33 -17.17
C LEU B 10 22.44 -10.45 -16.28
N LYS B 11 23.74 -10.46 -16.02
CA LYS B 11 24.37 -11.59 -15.31
C LYS B 11 23.82 -11.76 -13.89
N SER B 12 23.41 -10.65 -13.27
CA SER B 12 22.86 -10.70 -11.92
C SER B 12 21.33 -10.56 -11.91
N ASN B 13 20.70 -10.59 -13.08
CA ASN B 13 19.25 -10.50 -13.15
C ASN B 13 18.56 -11.65 -12.43
N ARG B 14 17.68 -11.31 -11.49
CA ARG B 14 16.98 -12.29 -10.67
C ARG B 14 15.85 -12.99 -11.41
N ALA B 15 15.33 -12.39 -12.48
CA ALA B 15 14.15 -12.95 -13.17
C ALA B 15 14.51 -14.13 -14.07
N LEU B 16 15.70 -14.09 -14.68
CA LEU B 16 16.09 -15.08 -15.68
C LEU B 16 16.18 -16.53 -15.16
N PRO B 17 16.78 -16.73 -13.97
CA PRO B 17 16.89 -18.10 -13.45
C PRO B 17 15.56 -18.80 -13.23
N LEU B 18 14.52 -18.03 -12.93
CA LEU B 18 13.18 -18.60 -12.75
C LEU B 18 12.73 -19.39 -13.98
N LEU B 19 12.75 -18.76 -15.15
CA LEU B 19 12.23 -19.44 -16.36
C LEU B 19 13.13 -20.60 -16.82
N THR B 20 14.45 -20.41 -16.71
CA THR B 20 15.40 -21.42 -17.14
C THR B 20 15.24 -22.63 -16.23
N PHE B 21 15.03 -22.38 -14.94
CA PHE B 21 14.83 -23.47 -14.00
C PHE B 21 13.52 -24.20 -14.27
N ALA B 22 12.44 -23.44 -14.48
CA ALA B 22 11.13 -24.02 -14.79
C ALA B 22 11.19 -24.91 -16.04
N ARG B 23 11.85 -24.42 -17.08
CA ARG B 23 11.94 -25.13 -18.35
C ARG B 23 12.67 -26.48 -18.19
N THR B 24 13.74 -26.50 -17.38
CA THR B 24 14.54 -27.70 -17.18
C THR B 24 13.88 -28.66 -16.20
N HIS B 25 12.95 -28.17 -15.39
CA HIS B 25 12.25 -29.02 -14.42
C HIS B 25 10.77 -29.20 -14.69
N SER B 26 10.39 -28.94 -15.93
CA SER B 26 9.04 -29.22 -16.43
C SER B 26 7.91 -28.66 -15.55
N PHE B 27 8.03 -27.39 -15.19
CA PHE B 27 6.89 -26.67 -14.61
C PHE B 27 6.83 -25.25 -15.19
N ALA B 28 5.91 -24.42 -14.71
CA ALA B 28 5.83 -23.05 -15.18
C ALA B 28 5.76 -22.10 -13.99
N ILE B 29 6.36 -20.93 -14.15
CA ILE B 29 6.31 -19.90 -13.14
C ILE B 29 4.93 -19.23 -13.16
N PRO B 30 4.27 -19.10 -11.99
CA PRO B 30 3.01 -18.35 -12.00
C PRO B 30 3.28 -16.84 -12.00
N ALA B 31 2.72 -16.15 -12.97
CA ALA B 31 2.99 -14.74 -13.11
C ALA B 31 1.66 -14.05 -12.95
N ILE B 32 1.51 -13.44 -11.77
CA ILE B 32 0.23 -12.95 -11.36
C ILE B 32 0.12 -11.42 -11.43
N CYS B 33 -0.76 -10.96 -12.31
CA CYS B 33 -1.11 -9.56 -12.46
C CYS B 33 -1.88 -9.09 -11.23
N VAL B 34 -1.42 -8.01 -10.60
CA VAL B 34 -2.15 -7.42 -9.49
C VAL B 34 -2.24 -5.91 -9.63
N TYR B 35 -3.21 -5.32 -8.93
CA TYR B 35 -3.53 -3.89 -9.02
C TYR B 35 -3.38 -3.17 -7.70
N ASN B 36 -3.00 -3.91 -6.68
CA ASN B 36 -3.07 -3.39 -5.31
C ASN B 36 -2.15 -4.13 -4.35
N LEU B 37 -1.95 -3.52 -3.18
CA LEU B 37 -1.25 -4.14 -2.07
C LEU B 37 -1.80 -5.51 -1.63
N GLU B 38 -3.13 -5.67 -1.60
CA GLU B 38 -3.78 -6.96 -1.28
C GLU B 38 -3.32 -8.07 -2.23
N GLY B 39 -3.15 -7.75 -3.50
CA GLY B 39 -2.70 -8.72 -4.50
C GLY B 39 -1.25 -9.13 -4.21
N ILE B 40 -0.40 -8.14 -3.93
CA ILE B 40 1.02 -8.36 -3.61
C ILE B 40 1.16 -9.34 -2.45
N LEU B 41 0.42 -9.08 -1.38
CA LEU B 41 0.38 -9.93 -0.18
C LEU B 41 -0.08 -11.33 -0.50
N ALA B 42 -1.14 -11.43 -1.28
CA ALA B 42 -1.71 -12.72 -1.65
C ALA B 42 -0.66 -13.57 -2.40
N ILE B 43 -0.03 -12.98 -3.39
CA ILE B 43 1.02 -13.69 -4.12
C ILE B 43 2.14 -14.17 -3.19
N ILE B 44 2.60 -13.26 -2.33
CA ILE B 44 3.74 -13.55 -1.47
C ILE B 44 3.41 -14.62 -0.43
N ARG B 45 2.20 -14.54 0.11
CA ARG B 45 1.72 -15.55 1.05
C ARG B 45 1.54 -16.92 0.37
N ALA B 46 0.88 -16.93 -0.80
CA ALA B 46 0.70 -18.16 -1.59
C ALA B 46 2.03 -18.82 -1.89
N ALA B 47 2.99 -18.04 -2.37
CA ALA B 47 4.28 -18.55 -2.78
C ALA B 47 5.10 -19.12 -1.64
N GLU B 48 5.16 -18.39 -0.51
CA GLU B 48 5.87 -18.85 0.67
C GLU B 48 5.22 -20.10 1.27
N HIS B 49 3.89 -20.13 1.23
CA HIS B 49 3.11 -21.22 1.77
C HIS B 49 3.20 -22.49 0.90
N LYS B 50 3.30 -22.34 -0.41
CA LYS B 50 3.36 -23.51 -1.30
C LYS B 50 4.78 -23.82 -1.74
N ARG B 51 5.73 -23.20 -1.05
CA ARG B 51 7.15 -23.23 -1.43
C ARG B 51 7.31 -23.15 -2.96
N SER B 52 6.76 -22.08 -3.52
CA SER B 52 6.74 -21.92 -4.96
C SER B 52 7.42 -20.62 -5.35
N PRO B 53 8.14 -20.62 -6.49
CA PRO B 53 8.61 -19.33 -6.96
C PRO B 53 7.41 -18.59 -7.59
N ALA B 54 7.53 -17.30 -7.81
CA ALA B 54 6.45 -16.57 -8.47
C ALA B 54 6.92 -15.28 -9.11
N MET B 55 6.04 -14.68 -9.90
CA MET B 55 6.23 -13.31 -10.35
C MET B 55 4.98 -12.49 -10.05
N ILE B 56 5.23 -11.27 -9.62
CA ILE B 56 4.20 -10.28 -9.43
C ILE B 56 4.29 -9.43 -10.67
N LEU B 57 3.15 -9.22 -11.30
CA LEU B 57 3.06 -8.44 -12.52
C LEU B 57 2.22 -7.20 -12.31
N LEU B 58 2.75 -6.08 -12.80
CA LEU B 58 2.03 -4.81 -12.76
C LEU B 58 1.81 -4.33 -14.21
N PHE B 59 0.73 -3.59 -14.41
CA PHE B 59 0.48 -2.93 -15.67
C PHE B 59 0.99 -1.48 -15.58
N PRO B 60 1.24 -0.83 -16.75
CA PRO B 60 1.60 0.59 -16.80
C PRO B 60 0.70 1.46 -15.94
N TRP B 61 -0.59 1.13 -15.92
CA TRP B 61 -1.51 1.82 -15.03
C TRP B 61 -0.99 1.94 -13.58
N ALA B 62 -0.31 0.93 -13.05
CA ALA B 62 0.21 1.02 -11.68
C ALA B 62 1.10 2.26 -11.53
N ILE B 63 1.88 2.55 -12.57
CA ILE B 63 2.74 3.74 -12.56
C ILE B 63 1.94 5.02 -12.85
N GLN B 64 0.98 4.92 -13.79
CA GLN B 64 0.05 6.04 -14.11
C GLN B 64 -0.59 6.51 -12.78
N TYR B 65 -1.01 5.52 -12.00
CA TYR B 65 -1.85 5.75 -10.82
C TYR B 65 -1.04 6.13 -9.59
N ALA B 66 0.03 5.40 -9.30
CA ALA B 66 0.74 5.56 -8.04
C ALA B 66 2.21 5.98 -8.17
N ASP B 67 2.60 6.44 -9.37
CA ASP B 67 3.99 6.76 -9.68
C ASP B 67 4.85 5.57 -9.29
N SER B 68 5.89 5.77 -8.49
CA SER B 68 6.76 4.64 -8.20
C SER B 68 6.33 3.77 -7.00
N LEU B 69 5.17 4.07 -6.40
CA LEU B 69 4.84 3.48 -5.09
C LEU B 69 4.48 2.03 -5.10
N LEU B 70 3.55 1.64 -5.97
CA LEU B 70 3.28 0.20 -6.14
C LEU B 70 4.54 -0.54 -6.58
N VAL B 71 5.28 0.05 -7.52
CA VAL B 71 6.51 -0.60 -8.00
C VAL B 71 7.49 -0.88 -6.87
N ARG B 72 7.81 0.15 -6.07
CA ARG B 72 8.84 0.06 -5.05
C ARG B 72 8.44 -0.89 -3.95
N THR B 73 7.17 -0.82 -3.54
CA THR B 73 6.63 -1.70 -2.53
C THR B 73 6.67 -3.18 -3.02
N ALA B 74 6.15 -3.46 -4.22
CA ALA B 74 6.17 -4.81 -4.76
C ALA B 74 7.59 -5.32 -4.83
N ALA B 75 8.51 -4.44 -5.27
CA ALA B 75 9.92 -4.78 -5.39
C ALA B 75 10.53 -5.18 -4.07
N SER B 76 10.34 -4.39 -3.02
CA SER B 76 10.97 -4.75 -1.75
C SER B 76 10.25 -5.91 -1.07
N ALA B 77 8.94 -6.02 -1.28
CA ALA B 77 8.22 -7.22 -0.83
C ALA B 77 8.77 -8.53 -1.49
N CYS B 78 8.99 -8.56 -2.80
CA CYS B 78 9.47 -9.79 -3.39
CA CYS B 78 9.47 -9.76 -3.47
C CYS B 78 10.88 -10.10 -2.98
N ARG B 79 11.70 -9.08 -2.81
CA ARG B 79 13.08 -9.28 -2.39
C ARG B 79 13.21 -9.71 -0.92
N ALA B 80 12.24 -9.36 -0.08
CA ALA B 80 12.25 -9.83 1.30
C ALA B 80 11.65 -11.22 1.42
N ALA B 81 11.07 -11.75 0.33
CA ALA B 81 10.36 -13.01 0.38
C ALA B 81 11.34 -14.15 0.61
N SER B 82 10.84 -15.29 1.09
CA SER B 82 11.71 -16.42 1.43
C SER B 82 11.78 -17.45 0.31
N VAL B 83 11.10 -17.16 -0.82
CA VAL B 83 11.17 -17.96 -2.03
C VAL B 83 11.44 -16.96 -3.17
N PRO B 84 12.00 -17.42 -4.32
CA PRO B 84 12.30 -16.53 -5.43
C PRO B 84 11.03 -15.90 -6.00
N ILE B 85 10.91 -14.58 -5.84
CA ILE B 85 9.78 -13.83 -6.44
C ILE B 85 10.33 -12.59 -7.10
N THR B 86 9.99 -12.35 -8.37
CA THR B 86 10.51 -11.20 -9.09
C THR B 86 9.35 -10.36 -9.64
N LEU B 87 9.65 -9.21 -10.23
CA LEU B 87 8.64 -8.21 -10.58
C LEU B 87 8.77 -7.84 -12.06
N HIS B 88 7.64 -7.88 -12.73
CA HIS B 88 7.55 -7.81 -14.15
C HIS B 88 6.57 -6.71 -14.49
N LEU B 89 6.93 -5.87 -15.45
CA LEU B 89 5.94 -4.91 -16.04
C LEU B 89 5.27 -5.57 -17.24
N ASP B 90 3.97 -5.83 -17.12
CA ASP B 90 3.20 -6.56 -18.13
C ASP B 90 2.61 -5.59 -19.17
N HIS B 91 2.57 -6.04 -20.43
CA HIS B 91 1.93 -5.29 -21.53
C HIS B 91 2.26 -3.79 -21.55
N ALA B 92 3.56 -3.45 -21.59
CA ALA B 92 3.97 -2.06 -21.74
C ALA B 92 4.07 -1.69 -23.24
N GLN B 93 3.20 -0.78 -23.65
CA GLN B 93 2.91 -0.57 -25.07
C GLN B 93 3.36 0.80 -25.53
N ASP B 94 3.89 1.60 -24.60
CA ASP B 94 4.41 2.94 -24.89
C ASP B 94 5.90 3.00 -24.58
N PRO B 95 6.73 3.48 -25.54
CA PRO B 95 8.19 3.57 -25.33
C PRO B 95 8.56 4.39 -24.10
N GLU B 96 7.90 5.54 -23.92
CA GLU B 96 8.21 6.43 -22.79
C GLU B 96 7.95 5.75 -21.43
N ILE B 97 6.84 5.06 -21.28
CA ILE B 97 6.60 4.36 -19.99
C ILE B 97 7.55 3.18 -19.75
N ILE B 98 8.03 2.54 -20.81
CA ILE B 98 9.05 1.52 -20.66
C ILE B 98 10.33 2.14 -20.11
N LYS B 99 10.77 3.21 -20.72
CA LYS B 99 11.99 3.84 -20.30
C LYS B 99 11.87 4.39 -18.87
N ARG B 100 10.68 4.91 -18.54
CA ARG B 100 10.43 5.51 -17.26
C ARG B 100 10.48 4.42 -16.18
N ALA B 101 9.85 3.27 -16.45
CA ALA B 101 9.91 2.10 -15.59
C ALA B 101 11.36 1.63 -15.42
N ALA B 102 12.05 1.46 -16.55
CA ALA B 102 13.46 1.05 -16.56
C ALA B 102 14.32 2.01 -15.73
N ASP B 103 14.02 3.30 -15.80
CA ASP B 103 14.76 4.33 -15.02
C ASP B 103 14.67 4.16 -13.49
N LEU B 104 13.59 3.55 -13.01
CA LEU B 104 13.48 3.23 -11.58
C LEU B 104 14.65 2.35 -11.08
N SER B 105 15.25 1.56 -11.97
CA SER B 105 16.40 0.70 -11.62
C SER B 105 17.73 1.46 -11.39
N ARG B 106 17.86 2.69 -11.89
CA ARG B 106 18.96 3.58 -11.45
C ARG B 106 18.51 4.39 -10.23
N SER B 107 18.29 3.66 -9.13
CA SER B 107 17.73 4.18 -7.87
C SER B 107 18.08 5.64 -7.55
N GLU B 111 17.39 1.27 -4.21
CA GLU B 111 15.95 0.94 -4.35
C GLU B 111 15.67 0.08 -5.59
N PRO B 112 15.28 -1.19 -5.35
CA PRO B 112 14.89 -2.09 -6.44
C PRO B 112 13.69 -1.57 -7.24
N GLY B 113 13.71 -1.90 -8.53
CA GLY B 113 12.63 -1.61 -9.46
C GLY B 113 12.21 -2.92 -10.09
N PHE B 114 11.93 -2.91 -11.40
CA PHE B 114 11.51 -4.13 -12.08
C PHE B 114 12.70 -5.07 -12.36
N ASP B 115 12.43 -6.37 -12.34
CA ASP B 115 13.37 -7.38 -12.82
C ASP B 115 13.22 -7.64 -14.32
N SER B 116 12.00 -7.45 -14.84
CA SER B 116 11.70 -7.70 -16.24
C SER B 116 10.58 -6.79 -16.72
N ILE B 117 10.57 -6.55 -18.01
CA ILE B 117 9.57 -5.69 -18.63
C ILE B 117 9.12 -6.36 -19.91
N MET B 118 7.81 -6.42 -20.12
CA MET B 118 7.30 -6.88 -21.39
C MET B 118 7.23 -5.68 -22.32
N VAL B 119 8.12 -5.68 -23.30
CA VAL B 119 8.14 -4.70 -24.34
C VAL B 119 7.13 -5.17 -25.38
N ASP B 120 5.92 -4.64 -25.27
CA ASP B 120 4.78 -5.08 -26.08
C ASP B 120 4.53 -4.05 -27.20
N MET B 121 5.21 -4.21 -28.31
CA MET B 121 5.01 -3.29 -29.43
C MET B 121 4.03 -3.89 -30.48
N SER B 122 3.40 -5.01 -30.11
CA SER B 122 2.48 -5.81 -30.96
C SER B 122 1.39 -5.02 -31.70
N HIS B 123 0.98 -3.89 -31.12
CA HIS B 123 -0.04 -3.02 -31.73
C HIS B 123 0.47 -2.20 -32.91
N PHE B 124 1.80 -2.12 -33.05
CA PHE B 124 2.44 -1.42 -34.17
C PHE B 124 2.51 -2.31 -35.38
N SER B 125 2.67 -1.71 -36.57
CA SER B 125 3.05 -2.45 -37.78
C SER B 125 4.32 -3.27 -37.49
N LYS B 126 4.38 -4.49 -38.03
CA LYS B 126 5.42 -5.49 -37.68
C LYS B 126 6.88 -5.06 -37.83
N GLU B 127 7.15 -4.16 -38.78
CA GLU B 127 8.51 -3.65 -38.99
C GLU B 127 8.86 -2.60 -37.92
N GLU B 128 7.84 -1.86 -37.48
CA GLU B 128 8.01 -0.84 -36.46
C GLU B 128 8.02 -1.51 -35.07
N ASN B 129 7.22 -2.57 -34.91
CA ASN B 129 7.26 -3.44 -33.74
C ASN B 129 8.69 -3.96 -33.52
N LEU B 130 9.23 -4.61 -34.57
CA LEU B 130 10.58 -5.17 -34.51
C LEU B 130 11.60 -4.12 -34.12
N ARG B 131 11.53 -2.94 -34.77
CA ARG B 131 12.52 -1.87 -34.58
C ARG B 131 12.47 -1.27 -33.17
N LEU B 132 11.26 -0.93 -32.70
CA LEU B 132 11.06 -0.41 -31.32
C LEU B 132 11.49 -1.42 -30.25
N THR B 133 11.08 -2.68 -30.43
CA THR B 133 11.39 -3.74 -29.48
C THR B 133 12.92 -3.82 -29.26
N ARG B 134 13.65 -3.95 -30.36
CA ARG B 134 15.10 -3.94 -30.35
C ARG B 134 15.65 -2.77 -29.52
N GLU B 135 15.14 -1.55 -29.78
CA GLU B 135 15.67 -0.34 -29.13
C GLU B 135 15.33 -0.24 -27.63
N LEU B 136 14.12 -0.63 -27.27
CA LEU B 136 13.70 -0.57 -25.86
C LEU B 136 14.35 -1.70 -25.10
N VAL B 137 14.56 -2.84 -25.77
CA VAL B 137 15.26 -3.98 -25.16
C VAL B 137 16.67 -3.57 -24.78
N ALA B 138 17.36 -2.92 -25.71
CA ALA B 138 18.67 -2.39 -25.42
C ALA B 138 18.61 -1.41 -24.25
N TYR B 139 17.60 -0.53 -24.20
CA TYR B 139 17.41 0.40 -23.04
C TYR B 139 17.25 -0.30 -21.69
N CYS B 140 16.39 -1.32 -21.64
CA CYS B 140 16.19 -2.12 -20.41
C CYS B 140 17.44 -2.92 -20.04
N ASN B 141 18.07 -3.60 -21.01
CA ASN B 141 19.28 -4.37 -20.73
C ASN B 141 20.40 -3.51 -20.12
N ALA B 142 20.58 -2.28 -20.62
CA ALA B 142 21.57 -1.35 -20.04
C ALA B 142 21.38 -1.04 -18.57
N ARG B 143 20.18 -1.35 -18.07
CA ARG B 143 19.84 -1.03 -16.71
C ARG B 143 19.68 -2.31 -15.87
N GLY B 144 19.90 -3.46 -16.53
CA GLY B 144 19.94 -4.79 -15.89
C GLY B 144 18.64 -5.55 -15.98
N ILE B 145 17.78 -5.16 -16.93
CA ILE B 145 16.41 -5.57 -16.90
C ILE B 145 16.14 -6.53 -18.03
N ALA B 146 15.55 -7.67 -17.67
CA ALA B 146 15.20 -8.70 -18.64
C ALA B 146 13.97 -8.28 -19.40
N THR B 147 13.69 -8.91 -20.55
CA THR B 147 12.59 -8.44 -21.40
C THR B 147 11.81 -9.58 -22.07
N GLU B 148 10.49 -9.36 -22.23
CA GLU B 148 9.61 -10.26 -22.93
C GLU B 148 8.93 -9.47 -24.05
N ALA B 149 8.64 -10.11 -25.19
CA ALA B 149 7.95 -9.46 -26.32
C ALA B 149 6.88 -10.34 -26.95
N GLU B 150 5.96 -9.71 -27.68
CA GLU B 150 4.89 -10.38 -28.40
C GLU B 150 5.10 -10.27 -29.91
N PRO B 151 5.24 -11.42 -30.60
CA PRO B 151 5.35 -11.35 -32.05
C PRO B 151 4.03 -10.98 -32.70
N GLY B 152 3.22 -10.17 -32.02
CA GLY B 152 2.00 -9.60 -32.61
C GLY B 152 2.31 -8.46 -33.58
N VAL B 170 -3.64 -12.16 -36.12
CA VAL B 170 -2.99 -13.22 -36.91
C VAL B 170 -1.90 -13.87 -36.06
N LEU B 171 -1.89 -15.22 -36.07
CA LEU B 171 -1.08 -16.08 -35.18
C LEU B 171 0.44 -16.02 -35.40
N THR B 172 1.18 -16.56 -34.43
CA THR B 172 2.65 -16.56 -34.43
C THR B 172 3.25 -17.73 -35.20
N THR B 173 3.99 -17.42 -36.25
CA THR B 173 4.68 -18.44 -37.04
C THR B 173 6.01 -18.76 -36.36
N PRO B 174 6.65 -19.88 -36.75
CA PRO B 174 8.01 -20.12 -36.24
C PRO B 174 9.03 -19.12 -36.81
N GLU B 175 8.77 -18.63 -38.02
CA GLU B 175 9.65 -17.69 -38.70
C GLU B 175 9.64 -16.31 -38.04
N GLU B 176 8.43 -15.83 -37.74
CA GLU B 176 8.24 -14.57 -36.99
C GLU B 176 8.97 -14.63 -35.64
N SER B 177 8.83 -15.76 -34.93
CA SER B 177 9.53 -15.95 -33.64
C SER B 177 11.04 -15.71 -33.71
N GLU B 178 11.69 -16.21 -34.76
CA GLU B 178 13.14 -16.10 -34.94
C GLU B 178 13.58 -14.64 -35.19
N GLU B 179 12.72 -13.88 -35.87
CA GLU B 179 12.94 -12.45 -36.08
C GLU B 179 12.94 -11.73 -34.74
N PHE B 180 12.01 -12.10 -33.86
CA PHE B 180 11.94 -11.50 -32.53
C PHE B 180 13.06 -11.94 -31.61
N VAL B 181 13.57 -13.16 -31.77
CA VAL B 181 14.76 -13.58 -31.01
C VAL B 181 15.88 -12.59 -31.29
N ALA B 182 16.04 -12.25 -32.58
CA ALA B 182 17.11 -11.33 -33.03
C ALA B 182 17.07 -9.92 -32.36
N THR B 183 15.91 -9.53 -31.84
CA THR B 183 15.78 -8.22 -31.18
C THR B 183 16.45 -8.17 -29.80
N GLY B 184 16.61 -9.33 -29.18
CA GLY B 184 17.33 -9.43 -27.92
C GLY B 184 16.47 -9.77 -26.72
N ILE B 185 15.17 -9.99 -26.96
CA ILE B 185 14.26 -10.41 -25.90
C ILE B 185 14.78 -11.65 -25.22
N ASN B 186 14.29 -11.87 -24.01
CA ASN B 186 14.69 -13.04 -23.26
C ASN B 186 13.62 -14.10 -23.40
N TRP B 187 12.37 -13.65 -23.32
CA TRP B 187 11.20 -14.50 -23.34
C TRP B 187 10.28 -14.01 -24.45
N LEU B 188 9.46 -14.90 -25.00
CA LEU B 188 8.58 -14.54 -26.10
C LEU B 188 7.19 -15.04 -25.74
N ALA B 189 6.17 -14.27 -26.12
CA ALA B 189 4.77 -14.59 -25.84
C ALA B 189 4.02 -14.95 -27.13
N PRO B 190 4.03 -16.25 -27.51
CA PRO B 190 3.44 -16.65 -28.79
C PRO B 190 1.91 -16.59 -28.85
N ALA B 191 1.36 -16.30 -30.03
CA ALA B 191 -0.08 -16.39 -30.28
C ALA B 191 -0.39 -17.74 -30.93
N PHE B 192 -1.22 -18.55 -30.29
CA PHE B 192 -1.59 -19.86 -30.87
C PHE B 192 -3.04 -20.28 -30.55
N GLY B 193 -3.93 -19.28 -30.47
CA GLY B 193 -5.32 -19.52 -30.11
C GLY B 193 -5.71 -19.07 -28.70
N ASN B 194 -4.73 -18.91 -27.80
CA ASN B 194 -4.98 -18.51 -26.40
C ASN B 194 -5.61 -17.12 -26.20
N LEU B 206 -7.00 -24.06 -29.23
CA LEU B 206 -5.56 -23.92 -29.07
C LEU B 206 -4.77 -24.80 -30.02
N ASP B 207 -3.68 -24.25 -30.57
CA ASP B 207 -2.88 -24.92 -31.59
C ASP B 207 -1.52 -25.41 -31.07
N TYR B 208 -1.56 -26.59 -30.45
CA TYR B 208 -0.38 -27.17 -29.81
C TYR B 208 0.71 -27.56 -30.80
N GLU B 209 0.30 -27.94 -32.01
CA GLU B 209 1.24 -28.24 -33.09
C GLU B 209 2.05 -26.96 -33.44
N ARG B 210 1.34 -25.85 -33.57
CA ARG B 210 1.93 -24.54 -33.76
C ARG B 210 2.88 -24.21 -32.59
N LEU B 211 2.45 -24.51 -31.36
CA LEU B 211 3.29 -24.26 -30.17
C LEU B 211 4.66 -24.96 -30.23
N GLN B 212 4.69 -26.30 -30.39
CA GLN B 212 5.99 -27.01 -30.33
C GLN B 212 6.91 -26.65 -31.50
N ARG B 213 6.30 -26.35 -32.65
CA ARG B 213 7.06 -25.84 -33.80
C ARG B 213 7.79 -24.55 -33.39
N ILE B 214 7.06 -23.62 -32.76
CA ILE B 214 7.67 -22.41 -32.19
C ILE B 214 8.79 -22.83 -31.22
N ASN B 215 8.45 -23.71 -30.27
CA ASN B 215 9.43 -24.24 -29.30
C ASN B 215 10.71 -24.87 -29.90
N GLU B 216 10.54 -25.75 -30.89
CA GLU B 216 11.68 -26.41 -31.55
C GLU B 216 12.56 -25.36 -32.26
N ALA B 217 11.91 -24.40 -32.93
CA ALA B 217 12.63 -23.31 -33.60
C ALA B 217 13.36 -22.36 -32.64
N VAL B 218 12.70 -21.93 -31.56
CA VAL B 218 13.30 -20.87 -30.72
C VAL B 218 13.45 -21.16 -29.21
N GLY B 219 12.83 -22.24 -28.73
CA GLY B 219 12.85 -22.59 -27.31
C GLY B 219 14.23 -22.86 -26.69
N GLU B 220 15.28 -22.78 -27.51
CA GLU B 220 16.65 -22.93 -27.04
C GLU B 220 17.31 -21.57 -26.82
N ARG B 221 16.76 -20.54 -27.45
CA ARG B 221 17.31 -19.19 -27.36
C ARG B 221 16.47 -18.26 -26.45
N VAL B 222 15.18 -18.56 -26.33
CA VAL B 222 14.25 -17.80 -25.47
C VAL B 222 13.24 -18.67 -24.69
N GLY B 223 12.84 -18.17 -23.51
CA GLY B 223 11.73 -18.74 -22.75
C GLY B 223 10.39 -18.36 -23.36
N LEU B 224 9.40 -19.23 -23.19
CA LEU B 224 8.07 -19.06 -23.77
C LEU B 224 7.04 -18.70 -22.69
N VAL B 225 6.20 -17.73 -23.02
CA VAL B 225 5.27 -17.15 -22.06
C VAL B 225 3.85 -17.28 -22.56
N LEU B 226 2.98 -17.80 -21.71
CA LEU B 226 1.59 -18.05 -22.06
C LEU B 226 0.70 -16.94 -21.54
N HIS B 227 -0.05 -16.32 -22.45
CA HIS B 227 -1.02 -15.28 -22.09
C HIS B 227 -2.44 -15.82 -22.31
N GLY B 228 -3.41 -15.28 -21.57
CA GLY B 228 -4.81 -15.64 -21.74
C GLY B 228 -5.07 -16.94 -21.01
N ALA B 229 -4.20 -17.23 -20.04
CA ALA B 229 -4.28 -18.44 -19.25
C ALA B 229 -5.44 -18.48 -18.22
N ASP B 230 -6.07 -17.34 -17.94
CA ASP B 230 -7.13 -17.24 -16.91
C ASP B 230 -8.11 -18.44 -16.88
N PRO B 231 -8.73 -18.79 -18.05
CA PRO B 231 -9.71 -19.87 -17.94
C PRO B 231 -9.14 -21.29 -18.01
N PHE B 232 -7.87 -21.45 -18.38
CA PHE B 232 -7.33 -22.79 -18.67
C PHE B 232 -7.41 -23.79 -17.48
N THR B 233 -7.30 -25.07 -17.82
CA THR B 233 -7.33 -26.15 -16.84
C THR B 233 -5.96 -26.81 -16.76
N LYS B 234 -5.78 -27.67 -15.75
CA LYS B 234 -4.53 -28.41 -15.54
C LYS B 234 -4.01 -29.07 -16.84
N GLU B 235 -4.92 -29.72 -17.57
CA GLU B 235 -4.57 -30.49 -18.78
C GLU B 235 -3.99 -29.60 -19.83
N ILE B 236 -4.64 -28.46 -20.08
CA ILE B 236 -4.12 -27.46 -21.00
C ILE B 236 -2.74 -26.97 -20.53
N PHE B 237 -2.62 -26.64 -19.25
CA PHE B 237 -1.33 -26.21 -18.68
C PHE B 237 -0.25 -27.28 -18.92
N GLU B 238 -0.59 -28.54 -18.63
CA GLU B 238 0.36 -29.65 -18.82
C GLU B 238 0.88 -29.78 -20.25
N LYS B 239 -0.03 -29.73 -21.23
CA LYS B 239 0.35 -29.79 -22.65
C LYS B 239 1.15 -28.55 -23.09
N CYS B 240 0.79 -27.36 -22.57
CA CYS B 240 1.57 -26.13 -22.84
C CYS B 240 2.99 -26.22 -22.28
N ILE B 241 3.13 -26.74 -21.07
CA ILE B 241 4.44 -26.89 -20.42
C ILE B 241 5.35 -27.91 -21.13
N GLU B 242 4.77 -29.06 -21.48
CA GLU B 242 5.51 -30.09 -22.20
C GLU B 242 6.06 -29.48 -23.48
N ARG B 243 5.31 -28.55 -24.07
CA ARG B 243 5.72 -27.95 -25.33
C ARG B 243 6.34 -26.56 -25.13
N GLY B 244 7.03 -26.32 -24.01
CA GLY B 244 7.86 -25.13 -23.86
C GLY B 244 7.50 -24.04 -22.84
N VAL B 245 6.23 -23.92 -22.45
CA VAL B 245 5.82 -22.82 -21.54
C VAL B 245 6.55 -22.88 -20.19
N ALA B 246 7.23 -21.78 -19.85
CA ALA B 246 7.92 -21.67 -18.56
C ALA B 246 7.35 -20.52 -17.67
N LYS B 247 6.31 -19.85 -18.16
CA LYS B 247 5.75 -18.67 -17.52
C LYS B 247 4.27 -18.52 -17.91
N VAL B 248 3.39 -18.59 -16.90
CA VAL B 248 1.95 -18.54 -17.10
C VAL B 248 1.33 -17.25 -16.50
N ASN B 249 0.88 -16.35 -17.36
CA ASN B 249 0.26 -15.08 -16.95
C ASN B 249 -1.19 -15.29 -16.52
N VAL B 250 -1.57 -14.69 -15.39
CA VAL B 250 -2.89 -14.82 -14.81
C VAL B 250 -3.32 -13.44 -14.36
N ASN B 251 -4.60 -13.12 -14.60
CA ASN B 251 -5.17 -11.87 -14.12
C ASN B 251 -6.55 -12.08 -13.47
N ARG B 252 -7.59 -12.26 -14.30
CA ARG B 252 -8.97 -12.36 -13.81
C ARG B 252 -9.17 -13.51 -12.85
N ALA B 253 -8.52 -14.66 -13.08
CA ALA B 253 -8.72 -15.82 -12.18
C ALA B 253 -8.36 -15.52 -10.72
N VAL B 254 -7.39 -14.62 -10.52
CA VAL B 254 -7.02 -14.16 -9.21
C VAL B 254 -7.80 -12.90 -8.78
N ASN B 255 -7.77 -11.87 -9.61
CA ASN B 255 -8.40 -10.59 -9.26
C ASN B 255 -9.92 -10.59 -9.19
N ASN B 256 -10.57 -11.50 -9.90
CA ASN B 256 -12.02 -11.63 -9.75
C ASN B 256 -12.43 -12.01 -8.34
N GLU B 257 -11.54 -12.65 -7.59
CA GLU B 257 -11.82 -12.97 -6.18
C GLU B 257 -11.92 -11.70 -5.34
N TYR B 258 -11.12 -10.70 -5.71
CA TYR B 258 -11.13 -9.43 -5.02
C TYR B 258 -12.47 -8.77 -5.31
N VAL B 259 -12.89 -8.83 -6.56
CA VAL B 259 -14.15 -8.19 -6.98
C VAL B 259 -15.36 -8.87 -6.35
N LYS B 260 -15.32 -10.21 -6.25
CA LYS B 260 -16.44 -10.95 -5.68
C LYS B 260 -16.67 -10.53 -4.24
N VAL B 261 -15.63 -10.58 -3.41
CA VAL B 261 -15.77 -10.18 -2.01
C VAL B 261 -16.37 -8.77 -1.86
N MET B 262 -15.85 -7.77 -2.58
CA MET B 262 -16.33 -6.36 -2.51
C MET B 262 -17.78 -6.20 -2.99
N ARG B 263 -18.14 -6.90 -4.08
CA ARG B 263 -19.51 -6.92 -4.56
C ARG B 263 -20.43 -7.46 -3.45
N GLU B 264 -20.01 -8.58 -2.87
CA GLU B 264 -20.77 -9.26 -1.82
C GLU B 264 -20.66 -8.65 -0.41
N LYS B 265 -19.52 -8.05 -0.04
CA LYS B 265 -19.32 -7.72 1.39
C LYS B 265 -19.14 -6.25 1.76
N ALA B 266 -18.87 -5.39 0.78
CA ALA B 266 -18.65 -3.98 1.07
C ALA B 266 -19.88 -3.44 1.76
N GLY B 267 -19.70 -2.50 2.68
CA GLY B 267 -20.85 -1.98 3.44
C GLY B 267 -21.31 -2.90 4.56
N SER B 268 -21.09 -4.21 4.40
CA SER B 268 -21.43 -5.18 5.42
C SER B 268 -20.25 -5.57 6.33
N LEU B 269 -19.04 -5.68 5.78
CA LEU B 269 -17.82 -5.93 6.58
C LEU B 269 -17.03 -4.64 6.82
N PRO B 270 -16.38 -4.50 8.02
CA PRO B 270 -15.49 -3.32 8.17
C PRO B 270 -14.33 -3.38 7.17
N ILE B 271 -13.77 -2.21 6.85
CA ILE B 271 -12.65 -2.09 5.90
C ILE B 271 -11.47 -3.05 6.13
N THR B 272 -10.99 -3.13 7.36
CA THR B 272 -9.89 -4.05 7.69
C THR B 272 -10.22 -5.47 7.30
N ARG B 273 -11.44 -5.91 7.64
CA ARG B 273 -11.94 -7.26 7.33
C ARG B 273 -12.12 -7.49 5.83
N LEU B 274 -12.60 -6.47 5.12
CA LEU B 274 -12.62 -6.53 3.63
C LEU B 274 -11.19 -6.80 3.14
N HIS B 275 -10.21 -6.06 3.65
CA HIS B 275 -8.81 -6.26 3.19
C HIS B 275 -8.36 -7.70 3.43
N GLU B 276 -8.70 -8.25 4.59
CA GLU B 276 -8.23 -9.58 4.95
C GLU B 276 -8.90 -10.63 4.04
N GLU B 277 -10.20 -10.46 3.84
CA GLU B 277 -11.02 -11.33 2.98
C GLU B 277 -10.65 -11.29 1.51
N VAL B 278 -10.46 -10.10 0.94
CA VAL B 278 -9.98 -10.08 -0.45
C VAL B 278 -8.59 -10.72 -0.60
N THR B 279 -7.69 -10.46 0.33
CA THR B 279 -6.34 -11.07 0.31
C THR B 279 -6.39 -12.60 0.41
N ASN B 280 -7.13 -13.16 1.39
CA ASN B 280 -7.35 -14.63 1.50
C ASN B 280 -7.95 -15.25 0.25
N ALA B 281 -9.02 -14.63 -0.26
CA ALA B 281 -9.63 -15.09 -1.50
C ALA B 281 -8.64 -15.09 -2.65
N MET B 282 -7.89 -14.00 -2.80
CA MET B 282 -6.88 -13.97 -3.85
C MET B 282 -5.77 -14.98 -3.62
N GLN B 283 -5.34 -15.12 -2.37
CA GLN B 283 -4.25 -16.06 -2.05
C GLN B 283 -4.66 -17.49 -2.42
N ALA B 284 -5.89 -17.87 -2.07
CA ALA B 284 -6.41 -19.19 -2.42
C ALA B 284 -6.38 -19.40 -3.93
N ALA B 285 -6.78 -18.38 -4.69
CA ALA B 285 -6.78 -18.52 -6.15
C ALA B 285 -5.35 -18.72 -6.72
N VAL B 286 -4.37 -18.02 -6.14
CA VAL B 286 -2.99 -18.17 -6.56
C VAL B 286 -2.50 -19.58 -6.24
N GLU B 287 -2.82 -20.09 -5.05
CA GLU B 287 -2.38 -21.44 -4.65
C GLU B 287 -2.87 -22.55 -5.60
N LYS B 288 -4.13 -22.47 -6.04
CA LYS B 288 -4.65 -23.37 -7.07
C LYS B 288 -3.77 -23.40 -8.33
N ILE B 289 -3.55 -22.21 -8.92
CA ILE B 289 -2.68 -22.09 -10.09
C ILE B 289 -1.30 -22.75 -9.88
N MET B 290 -0.70 -22.49 -8.71
CA MET B 290 0.59 -23.07 -8.35
C MET B 290 0.59 -24.61 -8.40
N ASP B 291 -0.50 -25.23 -7.94
CA ASP B 291 -0.75 -26.67 -8.01
C ASP B 291 -1.03 -27.13 -9.46
N MET B 292 -1.87 -26.41 -10.18
CA MET B 292 -2.10 -26.72 -11.59
C MET B 292 -0.86 -26.70 -12.48
N ILE B 293 0.04 -25.74 -12.27
CA ILE B 293 1.21 -25.61 -13.15
C ILE B 293 2.51 -26.22 -12.56
N ASP B 294 2.35 -27.00 -11.49
CA ASP B 294 3.45 -27.70 -10.80
C ASP B 294 4.54 -26.82 -10.24
N SER B 295 4.19 -25.61 -9.83
CA SER B 295 5.17 -24.75 -9.21
C SER B 295 5.26 -25.00 -7.72
N THR B 296 4.19 -25.51 -7.11
CA THR B 296 4.20 -25.89 -5.68
C THR B 296 5.45 -26.74 -5.39
N GLY B 297 6.13 -26.47 -4.29
CA GLY B 297 7.25 -27.28 -3.83
C GLY B 297 8.60 -26.96 -4.47
N LYS B 298 8.57 -26.34 -5.65
CA LYS B 298 9.77 -26.14 -6.48
C LYS B 298 10.82 -25.16 -5.95
N ALA B 299 10.43 -24.26 -5.05
CA ALA B 299 11.38 -23.29 -4.49
C ALA B 299 12.45 -23.96 -3.63
N GLU B 300 12.13 -25.12 -3.05
CA GLU B 300 13.11 -25.89 -2.26
C GLU B 300 14.39 -26.14 -3.04
N PHE B 301 14.27 -26.23 -4.36
CA PHE B 301 15.40 -26.64 -5.19
C PHE B 301 16.03 -25.47 -5.91
N MET B 302 15.45 -24.29 -5.67
CA MET B 302 15.94 -23.04 -6.27
C MET B 302 16.67 -22.17 -5.24
#